data_5Z5A
#
_entry.id   5Z5A
#
_cell.length_a   102.722
_cell.length_b   102.722
_cell.length_c   83.805
_cell.angle_alpha   90.00
_cell.angle_beta   90.00
_cell.angle_gamma   120.00
#
_symmetry.space_group_name_H-M   'P 61'
#
loop_
_entity.id
_entity.type
_entity.pdbx_description
1 polymer 'Protein-tyrosine phosphatase'
2 non-polymer 'VANADATE ION'
3 water water
#
_entity_poly.entity_id   1
_entity_poly.type   'polypeptide(L)'
_entity_poly.pdbx_seq_one_letter_code
;GHMWPSAKFIDGRVAFSRMPAERELDEVARDFDAVVVLVEDYELPYSLDEWEKRGVEVLHGPIPDFTAPSVEQLLEILRW
IEERVREGKKVLIHCMGGLGRSGTVGVAWLMYSRGLSLREALMEVRRKRPGAVETQEQMEVLKELEERI
;
_entity_poly.pdbx_strand_id   A,B,C
#
loop_
_chem_comp.id
_chem_comp.type
_chem_comp.name
_chem_comp.formula
VN3 non-polymer 'VANADATE ION' 'O3 V -1'
#
# COMPACT_ATOMS: atom_id res chain seq x y z
N HIS A 2 10.43 9.75 -9.26
CA HIS A 2 9.51 10.58 -10.03
C HIS A 2 8.10 10.26 -9.60
N MET A 3 7.32 11.31 -9.48
CA MET A 3 5.95 11.24 -9.00
C MET A 3 5.13 12.19 -9.85
N TRP A 4 3.83 11.89 -10.00
CA TRP A 4 2.94 12.78 -10.74
C TRP A 4 3.12 14.22 -10.27
N PRO A 5 3.50 15.15 -11.16
CA PRO A 5 3.98 16.45 -10.67
C PRO A 5 2.91 17.42 -10.24
N SER A 6 1.62 17.08 -10.41
CA SER A 6 0.55 17.92 -9.92
C SER A 6 0.13 17.59 -8.50
N ALA A 7 0.67 16.54 -7.90
CA ALA A 7 0.35 16.21 -6.50
C ALA A 7 0.99 17.24 -5.56
N LYS A 8 0.19 17.89 -4.73
CA LYS A 8 0.72 18.86 -3.75
C LYS A 8 0.70 18.18 -2.39
N PHE A 9 1.85 17.67 -1.94
CA PHE A 9 1.87 16.92 -0.68
C PHE A 9 1.79 17.87 0.51
N ILE A 10 0.91 17.54 1.46
CA ILE A 10 0.78 18.32 2.68
C ILE A 10 1.34 17.58 3.89
N ASP A 11 1.63 16.29 3.75
CA ASP A 11 2.51 15.57 4.67
C ASP A 11 3.20 14.49 3.85
N GLY A 12 3.80 13.50 4.52
CA GLY A 12 4.55 12.48 3.79
C GLY A 12 3.70 11.56 2.93
N ARG A 13 2.40 11.50 3.19
CA ARG A 13 1.56 10.47 2.59
C ARG A 13 0.33 10.99 1.87
N VAL A 14 -0.06 12.24 2.08
CA VAL A 14 -1.34 12.76 1.60
C VAL A 14 -1.07 13.99 0.75
N ALA A 15 -1.73 14.06 -0.41
CA ALA A 15 -1.55 15.17 -1.34
C ALA A 15 -2.90 15.63 -1.83
N PHE A 16 -2.97 16.88 -2.33
CA PHE A 16 -4.18 17.34 -3.00
C PHE A 16 -3.81 17.87 -4.39
N SER A 17 -4.81 17.94 -5.27
CA SER A 17 -4.49 18.27 -6.67
C SER A 17 -5.73 18.72 -7.43
N ARG A 18 -5.47 19.27 -8.63
CA ARG A 18 -6.47 19.46 -9.67
C ARG A 18 -6.95 18.10 -10.17
N MET A 19 -7.96 18.11 -11.03
CA MET A 19 -8.46 16.84 -11.55
C MET A 19 -7.49 16.21 -12.53
N PRO A 20 -7.10 14.95 -12.32
CA PRO A 20 -6.31 14.23 -13.33
C PRO A 20 -7.15 13.88 -14.54
N ALA A 21 -6.56 14.03 -15.73
CA ALA A 21 -7.20 13.52 -16.93
C ALA A 21 -7.07 12.00 -16.98
N GLU A 22 -7.93 11.36 -17.78
CA GLU A 22 -7.88 9.89 -17.86
C GLU A 22 -6.48 9.40 -18.23
N ARG A 23 -5.79 10.11 -19.14
CA ARG A 23 -4.47 9.68 -19.58
C ARG A 23 -3.39 9.87 -18.53
N GLU A 24 -3.69 10.56 -17.44
CA GLU A 24 -2.77 10.70 -16.33
C GLU A 24 -2.96 9.64 -15.25
N LEU A 25 -4.02 8.84 -15.30
CA LEU A 25 -4.32 7.95 -14.17
C LEU A 25 -3.24 6.88 -13.98
N ASP A 26 -2.63 6.38 -15.05
CA ASP A 26 -1.58 5.38 -14.86
C ASP A 26 -0.46 5.93 -13.98
N GLU A 27 -0.01 7.16 -14.29
CA GLU A 27 1.06 7.77 -13.50
C GLU A 27 0.63 8.05 -12.06
N VAL A 28 -0.60 8.54 -11.87
CA VAL A 28 -1.09 8.75 -10.51
C VAL A 28 -1.09 7.44 -9.75
N ALA A 29 -1.58 6.37 -10.40
CA ALA A 29 -1.73 5.09 -9.73
C ALA A 29 -0.40 4.48 -9.34
N ARG A 30 0.72 4.93 -9.95
CA ARG A 30 2.00 4.39 -9.53
C ARG A 30 2.37 4.81 -8.11
N ASP A 31 1.86 5.94 -7.62
CA ASP A 31 2.24 6.35 -6.26
C ASP A 31 1.11 6.43 -5.28
N PHE A 32 -0.14 6.52 -5.72
CA PHE A 32 -1.29 6.65 -4.84
C PHE A 32 -2.13 5.39 -4.84
N ASP A 33 -2.53 4.95 -3.65
CA ASP A 33 -3.40 3.79 -3.48
C ASP A 33 -4.87 4.14 -3.35
N ALA A 34 -5.19 5.40 -3.05
CA ALA A 34 -6.57 5.78 -2.80
C ALA A 34 -6.75 7.23 -3.20
N VAL A 35 -7.97 7.60 -3.55
CA VAL A 35 -8.27 8.95 -3.99
C VAL A 35 -9.61 9.39 -3.40
N VAL A 36 -9.65 10.63 -2.91
CA VAL A 36 -10.88 11.27 -2.49
C VAL A 36 -11.30 12.22 -3.60
N VAL A 37 -12.41 11.91 -4.27
CA VAL A 37 -12.87 12.68 -5.44
C VAL A 37 -13.99 13.61 -4.96
N LEU A 38 -13.77 14.91 -5.10
CA LEU A 38 -14.69 15.88 -4.53
C LEU A 38 -15.59 16.55 -5.57
N VAL A 39 -15.44 16.22 -6.86
CA VAL A 39 -16.23 16.87 -7.90
C VAL A 39 -17.55 16.15 -8.02
N GLU A 40 -18.56 16.86 -8.55
CA GLU A 40 -19.83 16.24 -8.87
C GLU A 40 -19.71 15.44 -10.15
N ASP A 41 -20.68 14.54 -10.36
CA ASP A 41 -20.58 13.60 -11.48
C ASP A 41 -20.44 14.32 -12.83
N TYR A 42 -21.16 15.44 -13.01
CA TYR A 42 -21.11 16.11 -14.31
C TYR A 42 -19.72 16.65 -14.62
N GLU A 43 -18.88 16.84 -13.61
CA GLU A 43 -17.52 17.32 -13.80
C GLU A 43 -16.54 16.24 -14.25
N LEU A 44 -16.90 14.95 -14.12
CA LEU A 44 -16.00 13.85 -14.43
C LEU A 44 -15.94 13.60 -15.93
N PRO A 45 -14.75 13.57 -16.53
CA PRO A 45 -14.62 13.17 -17.93
C PRO A 45 -14.44 11.68 -18.15
N TYR A 46 -14.54 10.88 -17.08
CA TYR A 46 -14.40 9.44 -17.17
C TYR A 46 -15.10 8.84 -15.96
N SER A 47 -15.35 7.54 -16.05
CA SER A 47 -15.99 6.85 -14.94
C SER A 47 -15.00 6.64 -13.79
N LEU A 48 -15.52 6.70 -12.55
CA LEU A 48 -14.67 6.42 -11.40
C LEU A 48 -14.16 4.99 -11.38
N ASP A 49 -14.72 4.10 -12.21
CA ASP A 49 -14.13 2.77 -12.33
C ASP A 49 -12.74 2.83 -12.95
N GLU A 50 -12.41 3.91 -13.67
CA GLU A 50 -11.06 4.03 -14.21
C GLU A 50 -10.02 4.05 -13.08
N TRP A 51 -10.37 4.62 -11.92
CA TRP A 51 -9.49 4.51 -10.77
C TRP A 51 -9.44 3.09 -10.24
N GLU A 52 -10.61 2.51 -9.97
CA GLU A 52 -10.66 1.20 -9.33
C GLU A 52 -9.93 0.16 -10.15
N LYS A 53 -10.12 0.17 -11.47
CA LYS A 53 -9.49 -0.86 -12.29
C LYS A 53 -7.98 -0.77 -12.24
N ARG A 54 -7.44 0.39 -11.88
CA ARG A 54 -6.00 0.59 -11.73
C ARG A 54 -5.52 0.38 -10.29
N GLY A 55 -6.37 -0.13 -9.42
CA GLY A 55 -5.97 -0.37 -8.05
C GLY A 55 -6.07 0.83 -7.14
N VAL A 56 -6.78 1.87 -7.54
CA VAL A 56 -6.90 3.06 -6.72
C VAL A 56 -8.31 3.09 -6.16
N GLU A 57 -8.43 2.92 -4.85
CA GLU A 57 -9.74 2.92 -4.20
C GLU A 57 -10.28 4.35 -4.12
N VAL A 58 -11.57 4.52 -4.46
CA VAL A 58 -12.22 5.82 -4.57
C VAL A 58 -13.14 6.05 -3.37
N LEU A 59 -13.05 7.24 -2.80
CA LEU A 59 -14.12 7.82 -1.97
C LEU A 59 -14.69 8.99 -2.78
N HIS A 60 -15.94 8.85 -3.24
CA HIS A 60 -16.57 9.93 -3.98
C HIS A 60 -17.36 10.77 -2.99
N GLY A 61 -16.92 11.99 -2.76
CA GLY A 61 -17.58 12.91 -1.86
C GLY A 61 -17.93 14.20 -2.56
N PRO A 62 -18.91 14.16 -3.44
CA PRO A 62 -19.17 15.31 -4.32
C PRO A 62 -19.59 16.53 -3.53
N ILE A 63 -19.00 17.65 -3.88
CA ILE A 63 -19.31 18.97 -3.31
C ILE A 63 -19.51 19.88 -4.51
N PRO A 64 -20.62 20.62 -4.60
CA PRO A 64 -20.76 21.55 -5.71
C PRO A 64 -19.61 22.55 -5.70
N ASP A 65 -19.16 22.93 -6.89
CA ASP A 65 -18.03 23.83 -6.99
C ASP A 65 -18.30 25.13 -6.24
N PHE A 66 -17.26 25.65 -5.57
CA PHE A 66 -17.32 26.89 -4.81
C PHE A 66 -18.31 26.82 -3.65
N THR A 67 -18.60 25.62 -3.16
CA THR A 67 -19.36 25.43 -1.93
C THR A 67 -18.52 24.60 -0.96
N ALA A 68 -19.04 24.41 0.24
CA ALA A 68 -18.34 23.73 1.32
C ALA A 68 -19.03 22.44 1.71
N PRO A 69 -18.28 21.42 2.12
CA PRO A 69 -18.91 20.26 2.76
C PRO A 69 -19.37 20.61 4.16
N SER A 70 -20.23 19.76 4.72
CA SER A 70 -20.56 19.89 6.13
C SER A 70 -19.41 19.39 6.99
N VAL A 71 -19.41 19.80 8.26
CA VAL A 71 -18.40 19.31 9.20
C VAL A 71 -18.50 17.78 9.31
N GLU A 72 -19.72 17.25 9.25
CA GLU A 72 -19.91 15.80 9.33
C GLU A 72 -19.28 15.11 8.13
N GLN A 73 -19.49 15.66 6.93
CA GLN A 73 -18.84 15.11 5.75
C GLN A 73 -17.32 15.18 5.88
N LEU A 74 -16.80 16.31 6.36
CA LEU A 74 -15.36 16.45 6.54
C LEU A 74 -14.81 15.37 7.45
N LEU A 75 -15.47 15.13 8.59
CA LEU A 75 -14.98 14.14 9.53
C LEU A 75 -14.98 12.74 8.94
N GLU A 76 -16.00 12.42 8.14
CA GLU A 76 -16.04 11.14 7.44
C GLU A 76 -14.86 11.00 6.50
N ILE A 77 -14.59 12.04 5.71
CA ILE A 77 -13.47 11.98 4.78
C ILE A 77 -12.15 11.80 5.53
N LEU A 78 -11.97 12.56 6.63
CA LEU A 78 -10.72 12.47 7.38
C LEU A 78 -10.49 11.08 7.96
N ARG A 79 -11.55 10.45 8.50
CA ARG A 79 -11.35 9.09 9.01
C ARG A 79 -11.00 8.13 7.88
N TRP A 80 -11.61 8.30 6.72
CA TRP A 80 -11.30 7.45 5.58
C TRP A 80 -9.85 7.63 5.16
N ILE A 81 -9.37 8.87 5.09
CA ILE A 81 -7.96 9.10 4.77
C ILE A 81 -7.08 8.43 5.81
N GLU A 82 -7.38 8.66 7.10
CA GLU A 82 -6.57 8.09 8.17
C GLU A 82 -6.50 6.58 8.07
N GLU A 83 -7.64 5.94 7.79
CA GLU A 83 -7.65 4.49 7.70
C GLU A 83 -6.64 3.99 6.68
N ARG A 84 -6.55 4.68 5.56
CA ARG A 84 -5.64 4.28 4.50
C ARG A 84 -4.19 4.66 4.83
N VAL A 85 -3.97 5.82 5.45
CA VAL A 85 -2.61 6.19 5.86
C VAL A 85 -2.06 5.16 6.84
N ARG A 86 -2.90 4.66 7.75
CA ARG A 86 -2.45 3.63 8.69
C ARG A 86 -2.03 2.36 7.98
N GLU A 87 -2.58 2.05 6.81
CA GLU A 87 -2.17 0.85 6.08
C GLU A 87 -0.85 1.04 5.33
N GLY A 88 -0.30 2.26 5.35
CA GLY A 88 0.90 2.58 4.60
C GLY A 88 0.63 3.13 3.21
N LYS A 89 -0.62 3.44 2.89
CA LYS A 89 -0.99 3.93 1.57
C LYS A 89 -0.76 5.43 1.47
N LYS A 90 -0.59 5.90 0.25
CA LYS A 90 -0.64 7.33 -0.03
C LYS A 90 -2.00 7.67 -0.64
N VAL A 91 -2.51 8.86 -0.29
CA VAL A 91 -3.87 9.24 -0.62
C VAL A 91 -3.84 10.58 -1.34
N LEU A 92 -4.59 10.67 -2.43
CA LEU A 92 -4.76 11.91 -3.17
C LEU A 92 -6.16 12.45 -2.94
N ILE A 93 -6.27 13.76 -2.74
CA ILE A 93 -7.54 14.47 -2.62
C ILE A 93 -7.61 15.39 -3.82
N HIS A 94 -8.69 15.33 -4.62
CA HIS A 94 -8.74 16.24 -5.76
C HIS A 94 -10.13 16.83 -5.99
N CYS A 95 -10.13 18.04 -6.56
CA CYS A 95 -11.36 18.63 -7.08
C CYS A 95 -11.14 18.99 -8.55
N MET A 96 -11.65 20.13 -9.03
CA MET A 96 -11.39 20.46 -10.44
C MET A 96 -10.15 21.34 -10.56
N GLY A 97 -10.15 22.49 -9.91
CA GLY A 97 -8.98 23.37 -9.96
C GLY A 97 -7.85 22.97 -9.04
N GLY A 98 -8.11 22.13 -8.03
CA GLY A 98 -7.11 21.87 -7.03
C GLY A 98 -6.96 22.95 -5.97
N LEU A 99 -7.98 23.79 -5.78
CA LEU A 99 -7.86 24.95 -4.91
C LEU A 99 -8.87 24.95 -3.77
N GLY A 100 -10.17 24.96 -4.08
CA GLY A 100 -11.14 25.30 -3.07
C GLY A 100 -11.65 24.08 -2.32
N ARG A 101 -12.31 23.16 -3.02
CA ARG A 101 -12.81 21.97 -2.36
C ARG A 101 -11.68 21.12 -1.78
N SER A 102 -10.67 20.83 -2.61
CA SER A 102 -9.57 20.00 -2.14
C SER A 102 -8.69 20.74 -1.14
N GLY A 103 -8.49 22.05 -1.32
CA GLY A 103 -7.76 22.81 -0.33
C GLY A 103 -8.45 22.80 1.02
N THR A 104 -9.77 22.88 1.02
CA THR A 104 -10.52 22.84 2.27
C THR A 104 -10.32 21.49 2.96
N VAL A 105 -10.39 20.40 2.22
CA VAL A 105 -10.20 19.08 2.83
C VAL A 105 -8.76 18.92 3.33
N GLY A 106 -7.77 19.43 2.56
CA GLY A 106 -6.39 19.38 3.02
C GLY A 106 -6.15 20.15 4.31
N VAL A 107 -6.70 21.36 4.41
CA VAL A 107 -6.60 22.09 5.69
C VAL A 107 -7.19 21.26 6.82
N ALA A 108 -8.41 20.76 6.62
CA ALA A 108 -9.08 19.93 7.60
C ALA A 108 -8.21 18.74 8.00
N TRP A 109 -7.55 18.14 7.01
CA TRP A 109 -6.72 16.97 7.28
C TRP A 109 -5.54 17.30 8.19
N LEU A 110 -4.86 18.43 7.97
CA LEU A 110 -3.75 18.79 8.85
C LEU A 110 -4.24 19.12 10.26
N MET A 111 -5.41 19.76 10.38
CA MET A 111 -5.97 20.01 11.70
C MET A 111 -6.24 18.71 12.42
N TYR A 112 -6.85 17.76 11.71
CA TYR A 112 -7.24 16.49 12.29
C TYR A 112 -6.02 15.64 12.62
N SER A 113 -5.06 15.57 11.70
CA SER A 113 -4.01 14.58 11.84
C SER A 113 -2.85 15.08 12.70
N ARG A 114 -2.65 16.39 12.76
CA ARG A 114 -1.52 16.99 13.45
C ARG A 114 -1.92 17.93 14.57
N GLY A 115 -3.21 18.21 14.75
CA GLY A 115 -3.62 19.12 15.81
C GLY A 115 -3.33 20.57 15.51
N LEU A 116 -3.07 20.90 14.25
CA LEU A 116 -2.72 22.26 13.89
C LEU A 116 -3.92 23.18 14.07
N SER A 117 -3.63 24.43 14.44
CA SER A 117 -4.68 25.43 14.38
C SER A 117 -5.09 25.64 12.93
N LEU A 118 -6.29 26.23 12.75
CA LEU A 118 -6.71 26.59 11.40
C LEU A 118 -5.66 27.45 10.71
N ARG A 119 -5.15 28.45 11.43
CA ARG A 119 -4.13 29.33 10.88
C ARG A 119 -2.91 28.55 10.39
N GLU A 120 -2.35 27.68 11.26
CA GLU A 120 -1.17 26.90 10.91
C GLU A 120 -1.44 26.01 9.72
N ALA A 121 -2.59 25.31 9.73
CA ALA A 121 -2.92 24.40 8.64
C ALA A 121 -3.21 25.16 7.35
N LEU A 122 -3.90 26.30 7.44
CA LEU A 122 -4.16 27.10 6.25
C LEU A 122 -2.86 27.63 5.64
N MET A 123 -1.93 28.07 6.49
CA MET A 123 -0.66 28.59 5.99
C MET A 123 0.10 27.53 5.23
N GLU A 124 0.10 26.29 5.75
CA GLU A 124 0.84 25.21 5.09
C GLU A 124 0.19 24.82 3.77
N VAL A 125 -1.15 24.72 3.73
CA VAL A 125 -1.80 24.33 2.49
C VAL A 125 -1.63 25.41 1.43
N ARG A 126 -1.69 26.69 1.83
CA ARG A 126 -1.53 27.77 0.87
C ARG A 126 -0.08 27.92 0.42
N ARG A 127 0.88 27.46 1.23
CA ARG A 127 2.26 27.43 0.77
C ARG A 127 2.41 26.42 -0.37
N LYS A 128 1.62 25.35 -0.34
CA LYS A 128 1.67 24.34 -1.40
C LYS A 128 0.86 24.74 -2.62
N ARG A 129 -0.26 25.44 -2.43
CA ARG A 129 -1.07 25.93 -3.55
C ARG A 129 -1.64 27.28 -3.15
N PRO A 130 -0.99 28.37 -3.57
CA PRO A 130 -1.53 29.69 -3.25
C PRO A 130 -2.96 29.82 -3.76
N GLY A 131 -3.81 30.42 -2.95
CA GLY A 131 -5.21 30.55 -3.30
C GLY A 131 -6.08 29.40 -2.82
N ALA A 132 -5.52 28.40 -2.15
CA ALA A 132 -6.32 27.30 -1.63
C ALA A 132 -7.34 27.79 -0.62
N VAL A 133 -8.53 27.18 -0.64
CA VAL A 133 -9.70 27.55 0.16
C VAL A 133 -10.22 28.87 -0.39
N GLU A 134 -11.22 28.78 -1.27
CA GLU A 134 -11.60 29.88 -2.14
C GLU A 134 -12.77 30.72 -1.63
N THR A 135 -13.66 30.17 -0.79
CA THR A 135 -14.92 30.86 -0.49
C THR A 135 -15.11 31.06 1.01
N GLN A 136 -16.02 31.98 1.36
CA GLN A 136 -16.34 32.22 2.76
C GLN A 136 -16.87 30.97 3.45
N GLU A 137 -17.78 30.25 2.80
CA GLU A 137 -18.37 29.06 3.42
C GLU A 137 -17.32 27.98 3.64
N GLN A 138 -16.31 27.93 2.79
CA GLN A 138 -15.24 26.96 3.03
C GLN A 138 -14.44 27.33 4.27
N MET A 139 -14.14 28.62 4.44
CA MET A 139 -13.50 29.07 5.67
C MET A 139 -14.37 28.78 6.89
N GLU A 140 -15.68 29.00 6.76
CA GLU A 140 -16.56 28.85 7.93
C GLU A 140 -16.62 27.41 8.41
N VAL A 141 -16.71 26.44 7.50
CA VAL A 141 -16.78 25.05 7.96
C VAL A 141 -15.45 24.62 8.59
N LEU A 142 -14.33 25.22 8.17
CA LEU A 142 -13.06 24.92 8.83
C LEU A 142 -13.03 25.49 10.24
N LYS A 143 -13.55 26.71 10.43
CA LYS A 143 -13.72 27.23 11.79
C LYS A 143 -14.61 26.32 12.62
N GLU A 144 -15.72 25.86 12.03
CA GLU A 144 -16.61 24.96 12.73
C GLU A 144 -15.90 23.66 13.10
N LEU A 145 -15.11 23.12 12.18
CA LEU A 145 -14.35 21.91 12.48
C LEU A 145 -13.34 22.16 13.58
N GLU A 146 -12.65 23.31 13.53
CA GLU A 146 -11.62 23.62 14.52
C GLU A 146 -12.19 23.60 15.92
N GLU A 147 -13.43 24.07 16.08
CA GLU A 147 -14.08 24.05 17.37
C GLU A 147 -14.30 22.63 17.89
N ARG A 148 -14.42 21.63 17.01
CA ARG A 148 -14.87 20.31 17.41
C ARG A 148 -13.80 19.23 17.45
N ILE A 149 -12.63 19.45 16.90
CA ILE A 149 -11.63 18.41 16.98
C ILE A 149 -10.64 18.81 18.05
N MET B 3 27.13 12.93 19.45
CA MET B 3 28.45 12.49 19.87
C MET B 3 28.40 11.33 20.84
N TRP B 4 27.21 10.95 21.29
CA TRP B 4 27.07 9.76 22.13
C TRP B 4 27.49 8.55 21.31
N PRO B 5 28.61 7.91 21.65
CA PRO B 5 29.21 6.91 20.73
C PRO B 5 28.33 5.71 20.45
N SER B 6 27.37 5.39 21.33
CA SER B 6 26.51 4.22 21.14
C SER B 6 25.48 4.42 20.03
N ALA B 7 25.20 5.66 19.64
CA ALA B 7 24.18 5.95 18.64
C ALA B 7 24.79 5.92 17.24
N LYS B 8 24.28 5.03 16.39
CA LYS B 8 24.76 4.89 15.02
C LYS B 8 23.72 5.53 14.08
N PHE B 9 24.12 6.60 13.39
CA PHE B 9 23.22 7.26 12.47
C PHE B 9 23.07 6.46 11.19
N ILE B 10 21.84 6.34 10.71
CA ILE B 10 21.57 5.68 9.43
C ILE B 10 21.22 6.67 8.35
N ASP B 11 20.99 7.94 8.68
CA ASP B 11 20.94 9.04 7.73
C ASP B 11 21.37 10.29 8.49
N GLY B 12 21.04 11.47 7.96
CA GLY B 12 21.46 12.69 8.60
C GLY B 12 20.78 13.00 9.92
N ARG B 13 19.61 12.39 10.18
CA ARG B 13 18.81 12.79 11.33
C ARG B 13 18.42 11.65 12.26
N VAL B 14 18.54 10.40 11.84
CA VAL B 14 18.01 9.26 12.59
C VAL B 14 19.13 8.31 12.93
N ALA B 15 19.15 7.85 14.19
CA ALA B 15 20.15 6.90 14.68
C ALA B 15 19.45 5.83 15.49
N PHE B 16 20.16 4.71 15.71
CA PHE B 16 19.64 3.67 16.60
C PHE B 16 20.74 3.17 17.54
N SER B 17 20.32 2.64 18.69
CA SER B 17 21.26 2.35 19.77
C SER B 17 20.69 1.33 20.73
N ARG B 18 21.57 0.79 21.57
CA ARG B 18 21.20 0.08 22.77
C ARG B 18 20.51 1.02 23.76
N MET B 19 20.01 0.45 24.85
CA MET B 19 19.34 1.28 25.85
C MET B 19 20.33 2.22 26.53
N PRO B 20 20.03 3.52 26.58
CA PRO B 20 20.85 4.43 27.39
C PRO B 20 20.56 4.24 28.88
N ALA B 21 21.62 4.21 29.67
CA ALA B 21 21.46 4.22 31.10
C ALA B 21 21.04 5.61 31.57
N GLU B 22 20.41 5.66 32.75
CA GLU B 22 19.93 6.95 33.26
C GLU B 22 21.06 7.97 33.28
N ARG B 23 22.25 7.56 33.69
CA ARG B 23 23.38 8.49 33.76
C ARG B 23 23.82 8.97 32.38
N GLU B 24 23.42 8.29 31.31
CA GLU B 24 23.75 8.72 29.95
C GLU B 24 22.73 9.67 29.35
N LEU B 25 21.59 9.89 30.02
CA LEU B 25 20.49 10.62 29.39
C LEU B 25 20.87 12.08 29.11
N ASP B 26 21.67 12.69 29.99
CA ASP B 26 22.12 14.06 29.75
C ASP B 26 22.93 14.14 28.47
N GLU B 27 23.82 13.18 28.25
CA GLU B 27 24.64 13.15 27.04
C GLU B 27 23.78 12.94 25.80
N VAL B 28 22.81 12.02 25.88
CA VAL B 28 21.95 11.73 24.74
C VAL B 28 21.07 12.93 24.40
N ALA B 29 20.48 13.56 25.42
CA ALA B 29 19.60 14.71 25.21
C ALA B 29 20.32 15.89 24.56
N ARG B 30 21.65 15.97 24.66
CA ARG B 30 22.37 17.02 23.96
C ARG B 30 22.32 16.80 22.45
N ASP B 31 22.21 15.54 22.01
CA ASP B 31 22.32 15.19 20.59
C ASP B 31 20.98 15.01 19.89
N PHE B 32 19.92 14.65 20.60
CA PHE B 32 18.67 14.25 19.97
C PHE B 32 17.49 15.05 20.51
N ASP B 33 16.56 15.38 19.63
CA ASP B 33 15.33 16.06 20.00
C ASP B 33 14.22 15.10 20.39
N ALA B 34 14.31 13.84 19.94
CA ALA B 34 13.20 12.92 20.07
C ALA B 34 13.75 11.50 20.14
N VAL B 35 13.00 10.64 20.84
CA VAL B 35 13.43 9.26 21.07
C VAL B 35 12.24 8.32 20.87
N VAL B 36 12.46 7.25 20.13
CA VAL B 36 11.53 6.13 20.01
C VAL B 36 12.05 5.02 20.93
N VAL B 37 11.27 4.70 21.96
CA VAL B 37 11.62 3.69 22.95
C VAL B 37 10.86 2.41 22.60
N LEU B 38 11.57 1.33 22.26
CA LEU B 38 10.94 0.10 21.82
C LEU B 38 10.87 -0.97 22.90
N VAL B 39 11.43 -0.73 24.07
CA VAL B 39 11.42 -1.72 25.13
C VAL B 39 10.10 -1.64 25.89
N GLU B 40 9.75 -2.74 26.54
CA GLU B 40 8.58 -2.81 27.41
C GLU B 40 8.89 -2.15 28.77
N ASP B 41 7.83 -1.78 29.49
CA ASP B 41 7.98 -1.11 30.78
C ASP B 41 8.98 -1.82 31.69
N TYR B 42 8.85 -3.14 31.84
CA TYR B 42 9.70 -3.85 32.79
C TYR B 42 11.17 -3.73 32.44
N GLU B 43 11.51 -3.45 31.18
CA GLU B 43 12.89 -3.30 30.77
C GLU B 43 13.49 -1.94 31.13
N LEU B 44 12.68 -0.96 31.51
CA LEU B 44 13.21 0.38 31.74
C LEU B 44 13.74 0.51 33.16
N PRO B 45 14.99 0.98 33.33
CA PRO B 45 15.51 1.24 34.68
C PRO B 45 15.13 2.60 35.24
N TYR B 46 14.41 3.42 34.48
CA TYR B 46 14.04 4.76 34.91
C TYR B 46 12.71 5.09 34.25
N SER B 47 12.06 6.12 34.78
CA SER B 47 10.82 6.58 34.17
C SER B 47 11.09 7.30 32.85
N LEU B 48 10.15 7.19 31.92
CA LEU B 48 10.29 7.96 30.68
C LEU B 48 10.11 9.45 30.92
N ASP B 49 9.62 9.85 32.10
CA ASP B 49 9.68 11.24 32.52
C ASP B 49 11.08 11.80 32.43
N GLU B 50 12.10 10.96 32.61
CA GLU B 50 13.48 11.43 32.57
C GLU B 50 13.81 12.06 31.22
N TRP B 51 13.24 11.53 30.14
CA TRP B 51 13.41 12.18 28.85
C TRP B 51 12.75 13.55 28.83
N GLU B 52 11.53 13.66 29.36
CA GLU B 52 10.80 14.91 29.29
C GLU B 52 11.47 15.97 30.18
N LYS B 53 11.97 15.55 31.33
CA LYS B 53 12.78 16.44 32.18
C LYS B 53 13.91 17.08 31.39
N ARG B 54 14.38 16.44 30.32
CA ARG B 54 15.50 16.92 29.53
C ARG B 54 15.09 17.46 28.17
N GLY B 55 13.80 17.72 27.97
CA GLY B 55 13.35 18.36 26.75
C GLY B 55 13.34 17.48 25.52
N VAL B 56 13.34 16.16 25.70
CA VAL B 56 13.29 15.20 24.60
C VAL B 56 11.88 14.61 24.53
N GLU B 57 11.26 14.71 23.35
CA GLU B 57 9.92 14.13 23.20
C GLU B 57 10.02 12.64 22.88
N VAL B 58 9.01 11.90 23.33
CA VAL B 58 9.11 10.45 23.42
C VAL B 58 7.94 9.81 22.68
N LEU B 59 8.26 8.79 21.88
CA LEU B 59 7.30 7.81 21.44
C LEU B 59 7.63 6.50 22.14
N HIS B 60 6.71 6.01 22.97
CA HIS B 60 6.88 4.69 23.57
C HIS B 60 6.12 3.70 22.70
N GLY B 61 6.87 2.92 21.93
CA GLY B 61 6.27 1.89 21.10
C GLY B 61 6.79 0.53 21.50
N PRO B 62 6.26 -0.03 22.59
CA PRO B 62 6.84 -1.25 23.13
C PRO B 62 6.65 -2.44 22.20
N ILE B 63 7.72 -3.21 22.05
CA ILE B 63 7.73 -4.47 21.31
C ILE B 63 8.39 -5.50 22.21
N PRO B 64 7.81 -6.67 22.43
CA PRO B 64 8.50 -7.66 23.28
C PRO B 64 9.85 -8.06 22.68
N ASP B 65 10.84 -8.19 23.55
CA ASP B 65 12.17 -8.53 23.06
C ASP B 65 12.12 -9.83 22.26
N PHE B 66 12.93 -9.89 21.20
CA PHE B 66 13.01 -11.03 20.31
C PHE B 66 11.66 -11.32 19.63
N THR B 67 10.85 -10.28 19.41
CA THR B 67 9.65 -10.39 18.59
C THR B 67 9.58 -9.24 17.59
N ALA B 68 8.65 -9.34 16.65
CA ALA B 68 8.54 -8.28 15.65
C ALA B 68 7.29 -7.46 15.91
N PRO B 69 7.30 -6.16 15.63
CA PRO B 69 6.06 -5.40 15.64
C PRO B 69 5.14 -5.91 14.53
N SER B 70 3.85 -5.65 14.70
CA SER B 70 2.97 -5.77 13.54
C SER B 70 3.38 -4.74 12.50
N VAL B 71 3.02 -4.98 11.24
CA VAL B 71 3.34 -3.98 10.22
C VAL B 71 2.62 -2.67 10.52
N GLU B 72 1.41 -2.73 11.10
CA GLU B 72 0.71 -1.50 11.47
C GLU B 72 1.46 -0.73 12.55
N GLN B 73 1.98 -1.42 13.57
CA GLN B 73 2.77 -0.72 14.59
C GLN B 73 4.04 -0.14 13.98
N LEU B 74 4.71 -0.92 13.14
CA LEU B 74 5.90 -0.41 12.45
C LEU B 74 5.58 0.88 11.69
N LEU B 75 4.46 0.88 10.95
CA LEU B 75 4.05 2.07 10.20
C LEU B 75 3.75 3.25 11.11
N GLU B 76 3.12 3.02 12.27
CA GLU B 76 2.91 4.10 13.24
C GLU B 76 4.24 4.73 13.66
N ILE B 77 5.23 3.88 13.96
CA ILE B 77 6.54 4.38 14.38
C ILE B 77 7.18 5.18 13.24
N LEU B 78 7.13 4.66 12.01
CA LEU B 78 7.75 5.36 10.87
C LEU B 78 7.06 6.71 10.64
N ARG B 79 5.74 6.74 10.73
CA ARG B 79 5.01 8.00 10.60
C ARG B 79 5.47 9.03 11.62
N TRP B 80 5.64 8.62 12.87
CA TRP B 80 6.09 9.54 13.90
C TRP B 80 7.51 10.03 13.67
N ILE B 81 8.43 9.13 13.28
CA ILE B 81 9.79 9.57 12.98
C ILE B 81 9.77 10.60 11.85
N GLU B 82 9.01 10.31 10.79
CA GLU B 82 8.92 11.24 9.67
C GLU B 82 8.41 12.60 10.13
N GLU B 83 7.36 12.61 10.96
CA GLU B 83 6.86 13.86 11.51
C GLU B 83 7.95 14.65 12.24
N ARG B 84 8.74 13.98 13.09
CA ARG B 84 9.83 14.68 13.77
C ARG B 84 10.90 15.15 12.79
N VAL B 85 11.24 14.31 11.81
CA VAL B 85 12.28 14.67 10.84
C VAL B 85 11.85 15.88 10.02
N ARG B 86 10.58 15.93 9.60
CA ARG B 86 10.10 17.08 8.84
C ARG B 86 10.14 18.36 9.66
N GLU B 87 10.12 18.25 10.99
CA GLU B 87 10.31 19.39 11.89
C GLU B 87 11.77 19.76 12.08
N GLY B 88 12.68 19.14 11.32
CA GLY B 88 14.08 19.44 11.44
C GLY B 88 14.77 18.79 12.62
N LYS B 89 14.15 17.81 13.26
CA LYS B 89 14.67 17.21 14.49
C LYS B 89 15.49 15.96 14.22
N LYS B 90 16.31 15.58 15.21
CA LYS B 90 17.05 14.34 15.18
C LYS B 90 16.38 13.34 16.12
N VAL B 91 16.34 12.07 15.70
CA VAL B 91 15.57 11.03 16.38
C VAL B 91 16.49 9.86 16.68
N LEU B 92 16.46 9.39 17.92
CA LEU B 92 17.13 8.17 18.32
C LEU B 92 16.11 7.06 18.51
N ILE B 93 16.38 5.90 17.93
CA ILE B 93 15.57 4.69 18.09
C ILE B 93 16.37 3.72 18.95
N HIS B 94 15.82 3.28 20.08
CA HIS B 94 16.57 2.30 20.88
C HIS B 94 15.70 1.15 21.38
N CYS B 95 16.34 0.00 21.53
CA CYS B 95 15.77 -1.13 22.24
C CYS B 95 16.69 -1.48 23.40
N MET B 96 16.90 -2.77 23.70
CA MET B 96 17.82 -3.07 24.79
C MET B 96 19.25 -3.27 24.25
N GLY B 97 19.42 -4.26 23.37
CA GLY B 97 20.73 -4.52 22.78
C GLY B 97 21.10 -3.62 21.60
N GLY B 98 20.14 -2.92 21.02
CA GLY B 98 20.42 -2.09 19.86
C GLY B 98 20.55 -2.86 18.56
N LEU B 99 20.03 -4.09 18.50
CA LEU B 99 20.19 -4.98 17.37
C LEU B 99 18.86 -5.34 16.71
N GLY B 100 17.99 -6.04 17.43
CA GLY B 100 16.83 -6.64 16.81
C GLY B 100 15.68 -5.66 16.60
N ARG B 101 15.11 -5.16 17.68
CA ARG B 101 13.94 -4.27 17.55
C ARG B 101 14.33 -2.95 16.91
N SER B 102 15.41 -2.33 17.39
CA SER B 102 15.77 -1.04 16.81
C SER B 102 16.38 -1.21 15.42
N GLY B 103 17.07 -2.33 15.17
CA GLY B 103 17.58 -2.58 13.82
C GLY B 103 16.46 -2.76 12.82
N THR B 104 15.39 -3.47 13.22
CA THR B 104 14.22 -3.62 12.36
C THR B 104 13.62 -2.27 12.00
N VAL B 105 13.41 -1.41 13.01
CA VAL B 105 12.85 -0.08 12.74
C VAL B 105 13.79 0.73 11.85
N GLY B 106 15.09 0.64 12.11
CA GLY B 106 16.07 1.34 11.28
C GLY B 106 16.03 0.92 9.81
N VAL B 107 16.03 -0.39 9.55
CA VAL B 107 15.91 -0.89 8.18
C VAL B 107 14.62 -0.39 7.55
N ALA B 108 13.52 -0.53 8.29
CA ALA B 108 12.24 -0.02 7.83
C ALA B 108 12.32 1.47 7.50
N TRP B 109 13.02 2.24 8.33
CA TRP B 109 13.08 3.69 8.10
C TRP B 109 13.74 4.02 6.77
N LEU B 110 14.81 3.31 6.41
CA LEU B 110 15.47 3.57 5.13
C LEU B 110 14.60 3.15 3.95
N MET B 111 13.90 2.01 4.07
CA MET B 111 12.96 1.62 3.03
C MET B 111 11.86 2.66 2.86
N TYR B 112 11.37 3.17 3.98
CA TYR B 112 10.22 4.08 3.98
C TYR B 112 10.61 5.47 3.48
N SER B 113 11.76 5.96 3.90
CA SER B 113 12.11 7.35 3.61
C SER B 113 12.94 7.51 2.36
N ARG B 114 13.68 6.49 1.94
CA ARG B 114 14.53 6.58 0.76
C ARG B 114 14.14 5.63 -0.36
N GLY B 115 13.15 4.76 -0.14
CA GLY B 115 12.81 3.79 -1.14
C GLY B 115 13.86 2.75 -1.40
N LEU B 116 14.80 2.54 -0.47
CA LEU B 116 15.70 1.40 -0.59
C LEU B 116 14.91 0.10 -0.59
N SER B 117 15.42 -0.88 -1.33
CA SER B 117 14.94 -2.24 -1.17
C SER B 117 15.31 -2.76 0.21
N LEU B 118 14.61 -3.80 0.64
CA LEU B 118 14.93 -4.39 1.92
C LEU B 118 16.42 -4.78 1.98
N ARG B 119 16.91 -5.44 0.93
CA ARG B 119 18.32 -5.84 0.90
C ARG B 119 19.23 -4.63 1.04
N GLU B 120 18.99 -3.58 0.25
CA GLU B 120 19.82 -2.38 0.34
C GLU B 120 19.77 -1.78 1.73
N ALA B 121 18.56 -1.66 2.31
CA ALA B 121 18.43 -1.04 3.63
C ALA B 121 19.07 -1.91 4.71
N LEU B 122 18.93 -3.23 4.60
CA LEU B 122 19.53 -4.13 5.59
C LEU B 122 21.05 -4.04 5.56
N MET B 123 21.64 -3.97 4.36
CA MET B 123 23.09 -3.82 4.27
C MET B 123 23.57 -2.53 4.90
N GLU B 124 22.90 -1.41 4.64
CA GLU B 124 23.34 -0.16 5.23
C GLU B 124 23.24 -0.18 6.75
N VAL B 125 22.14 -0.70 7.29
CA VAL B 125 22.00 -0.73 8.74
C VAL B 125 23.01 -1.69 9.36
N ARG B 126 23.25 -2.83 8.72
CA ARG B 126 24.18 -3.80 9.29
C ARG B 126 25.61 -3.33 9.18
N ARG B 127 25.91 -2.46 8.21
CA ARG B 127 27.23 -1.85 8.18
C ARG B 127 27.43 -0.93 9.38
N LYS B 128 26.34 -0.36 9.91
CA LYS B 128 26.45 0.48 11.09
C LYS B 128 26.51 -0.35 12.37
N ARG B 129 25.77 -1.45 12.44
CA ARG B 129 25.87 -2.37 13.58
C ARG B 129 25.63 -3.78 13.07
N PRO B 130 26.71 -4.54 12.83
CA PRO B 130 26.55 -5.93 12.39
C PRO B 130 25.64 -6.70 13.34
N GLY B 131 24.81 -7.56 12.77
CA GLY B 131 23.87 -8.33 13.57
C GLY B 131 22.54 -7.66 13.79
N ALA B 132 22.34 -6.43 13.30
CA ALA B 132 21.02 -5.81 13.38
C ALA B 132 19.98 -6.67 12.67
N VAL B 133 18.75 -6.66 13.21
CA VAL B 133 17.65 -7.52 12.80
C VAL B 133 17.95 -8.97 13.16
N GLU B 134 17.39 -9.43 14.28
CA GLU B 134 17.81 -10.70 14.88
C GLU B 134 16.94 -11.89 14.53
N THR B 135 15.65 -11.71 14.28
CA THR B 135 14.76 -12.87 14.24
C THR B 135 14.08 -13.02 12.89
N GLN B 136 13.57 -14.23 12.65
CA GLN B 136 12.85 -14.50 11.43
C GLN B 136 11.61 -13.63 11.33
N GLU B 137 10.90 -13.45 12.44
CA GLU B 137 9.69 -12.63 12.39
C GLU B 137 10.00 -11.17 12.11
N GLN B 138 11.15 -10.70 12.60
CA GLN B 138 11.55 -9.33 12.29
C GLN B 138 11.85 -9.16 10.80
N MET B 139 12.50 -10.15 10.18
CA MET B 139 12.67 -10.09 8.74
C MET B 139 11.34 -10.16 8.01
N GLU B 140 10.38 -10.95 8.53
CA GLU B 140 9.11 -11.09 7.81
C GLU B 140 8.28 -9.82 7.85
N VAL B 141 8.33 -9.05 8.94
CA VAL B 141 7.58 -7.79 8.94
C VAL B 141 8.21 -6.77 7.99
N LEU B 142 9.53 -6.87 7.77
CA LEU B 142 10.15 -6.00 6.78
C LEU B 142 9.68 -6.34 5.38
N LYS B 143 9.56 -7.64 5.07
CA LYS B 143 9.01 -8.03 3.78
C LYS B 143 7.54 -7.60 3.65
N GLU B 144 6.79 -7.70 4.75
CA GLU B 144 5.41 -7.22 4.74
C GLU B 144 5.35 -5.72 4.50
N LEU B 145 6.26 -4.96 5.12
CA LEU B 145 6.31 -3.52 4.89
C LEU B 145 6.58 -3.21 3.42
N GLU B 146 7.53 -3.95 2.81
CA GLU B 146 7.88 -3.70 1.42
C GLU B 146 6.66 -3.88 0.51
N GLU B 147 5.72 -4.73 0.91
CA GLU B 147 4.51 -4.90 0.13
C GLU B 147 3.59 -3.69 0.24
N ARG B 148 3.61 -2.99 1.37
CA ARG B 148 2.68 -1.88 1.58
C ARG B 148 3.17 -0.60 0.92
N ILE B 149 4.48 -0.38 0.85
CA ILE B 149 5.00 0.95 0.55
C ILE B 149 5.61 1.02 -0.84
N MET C 3 8.58 -9.15 -19.90
CA MET C 3 7.39 -9.97 -19.71
C MET C 3 6.13 -9.28 -20.20
N TRP C 4 5.27 -10.04 -20.90
CA TRP C 4 3.98 -9.60 -21.43
C TRP C 4 3.21 -8.84 -20.34
N PRO C 5 3.02 -7.53 -20.50
CA PRO C 5 2.40 -6.75 -19.42
C PRO C 5 0.98 -7.18 -19.06
N SER C 6 0.24 -7.79 -20.00
CA SER C 6 -1.12 -8.21 -19.72
C SER C 6 -1.19 -9.38 -18.75
N ALA C 7 -0.11 -10.13 -18.56
CA ALA C 7 -0.13 -11.26 -17.64
C ALA C 7 0.06 -10.77 -16.21
N LYS C 8 -0.87 -11.16 -15.34
CA LYS C 8 -0.84 -10.78 -13.92
C LYS C 8 -0.43 -12.00 -13.13
N PHE C 9 0.81 -12.00 -12.62
CA PHE C 9 1.28 -13.17 -11.89
C PHE C 9 0.70 -13.22 -10.48
N ILE C 10 0.33 -14.42 -10.06
CA ILE C 10 -0.14 -14.68 -8.69
C ILE C 10 0.85 -15.52 -7.89
N ASP C 11 1.88 -16.06 -8.53
CA ASP C 11 3.08 -16.60 -7.88
C ASP C 11 4.21 -16.51 -8.89
N GLY C 12 5.31 -17.22 -8.63
CA GLY C 12 6.49 -17.08 -9.47
C GLY C 12 6.29 -17.56 -10.90
N ARG C 13 5.38 -18.52 -11.11
CA ARG C 13 5.23 -19.16 -12.41
C ARG C 13 3.82 -19.17 -12.99
N VAL C 14 2.80 -18.68 -12.28
CA VAL C 14 1.42 -18.74 -12.76
C VAL C 14 0.86 -17.32 -12.89
N ALA C 15 0.23 -17.02 -14.03
CA ALA C 15 -0.37 -15.72 -14.25
C ALA C 15 -1.72 -15.89 -14.94
N PHE C 16 -2.52 -14.81 -14.91
CA PHE C 16 -3.79 -14.85 -15.62
C PHE C 16 -3.96 -13.54 -16.39
N SER C 17 -4.73 -13.61 -17.48
CA SER C 17 -4.77 -12.47 -18.39
C SER C 17 -6.06 -12.50 -19.20
N ARG C 18 -6.30 -11.38 -19.88
CA ARG C 18 -7.28 -11.27 -20.96
C ARG C 18 -6.84 -12.14 -22.12
N MET C 19 -7.67 -12.26 -23.14
CA MET C 19 -7.28 -13.11 -24.26
C MET C 19 -6.17 -12.45 -25.06
N PRO C 20 -5.09 -13.16 -25.35
CA PRO C 20 -4.05 -12.61 -26.23
C PRO C 20 -4.49 -12.67 -27.69
N ALA C 21 -4.35 -11.56 -28.39
CA ALA C 21 -4.63 -11.53 -29.82
C ALA C 21 -3.52 -12.28 -30.56
N GLU C 22 -3.84 -12.70 -31.80
CA GLU C 22 -2.86 -13.44 -32.60
C GLU C 22 -1.56 -12.67 -32.73
N ARG C 23 -1.66 -11.35 -32.94
CA ARG C 23 -0.51 -10.46 -33.03
C ARG C 23 0.33 -10.44 -31.75
N GLU C 24 -0.17 -11.03 -30.66
CA GLU C 24 0.54 -11.05 -29.40
C GLU C 24 1.10 -12.41 -29.03
N LEU C 25 0.75 -13.47 -29.75
CA LEU C 25 1.10 -14.82 -29.32
C LEU C 25 2.62 -15.02 -29.26
N ASP C 26 3.36 -14.48 -30.23
CA ASP C 26 4.82 -14.59 -30.18
C ASP C 26 5.36 -14.02 -28.88
N GLU C 27 4.92 -12.80 -28.53
CA GLU C 27 5.35 -12.18 -27.29
C GLU C 27 4.99 -13.05 -26.09
N VAL C 28 3.79 -13.63 -26.09
CA VAL C 28 3.33 -14.46 -24.97
C VAL C 28 4.19 -15.71 -24.86
N ALA C 29 4.43 -16.39 -25.98
CA ALA C 29 5.15 -17.65 -25.97
C ALA C 29 6.58 -17.50 -25.47
N ARG C 30 7.12 -16.29 -25.54
CA ARG C 30 8.50 -16.04 -25.11
C ARG C 30 8.68 -16.14 -23.61
N ASP C 31 7.60 -15.98 -22.83
CA ASP C 31 7.67 -16.07 -21.38
C ASP C 31 6.90 -17.23 -20.79
N PHE C 32 5.97 -17.84 -21.53
CA PHE C 32 5.12 -18.91 -21.04
C PHE C 32 5.31 -20.17 -21.87
N ASP C 33 5.24 -21.32 -21.19
CA ASP C 33 5.37 -22.61 -21.84
C ASP C 33 4.06 -23.39 -21.90
N ALA C 34 3.09 -23.05 -21.08
CA ALA C 34 1.79 -23.71 -21.06
C ALA C 34 0.70 -22.67 -20.85
N VAL C 35 -0.41 -22.81 -21.56
CA VAL C 35 -1.52 -21.88 -21.44
C VAL C 35 -2.80 -22.66 -21.14
N VAL C 36 -3.61 -22.15 -20.22
CA VAL C 36 -4.91 -22.71 -19.89
C VAL C 36 -5.96 -21.80 -20.52
N VAL C 37 -6.76 -22.34 -21.42
CA VAL C 37 -7.73 -21.56 -22.19
C VAL C 37 -9.12 -21.84 -21.62
N LEU C 38 -9.78 -20.80 -21.11
CA LEU C 38 -11.06 -20.98 -20.46
C LEU C 38 -12.23 -20.50 -21.31
N VAL C 39 -11.99 -19.85 -22.45
CA VAL C 39 -13.08 -19.38 -23.30
C VAL C 39 -13.69 -20.55 -24.07
N GLU C 40 -14.94 -20.37 -24.48
CA GLU C 40 -15.58 -21.32 -25.37
C GLU C 40 -15.03 -21.15 -26.78
N ASP C 41 -15.21 -22.19 -27.62
CA ASP C 41 -14.59 -22.14 -28.94
C ASP C 41 -15.10 -20.99 -29.77
N TYR C 42 -16.37 -20.59 -29.60
CA TYR C 42 -16.86 -19.46 -30.39
C TYR C 42 -16.12 -18.17 -30.07
N GLU C 43 -15.51 -18.08 -28.88
CA GLU C 43 -14.78 -16.88 -28.49
C GLU C 43 -13.40 -16.75 -29.12
N LEU C 44 -12.83 -17.85 -29.61
CA LEU C 44 -11.44 -17.83 -30.05
C LEU C 44 -11.33 -17.21 -31.45
N PRO C 45 -10.51 -16.17 -31.64
CA PRO C 45 -10.28 -15.62 -32.97
C PRO C 45 -9.18 -16.32 -33.77
N TYR C 46 -8.66 -17.43 -33.24
CA TYR C 46 -7.68 -18.25 -33.94
C TYR C 46 -7.84 -19.66 -33.41
N SER C 47 -7.25 -20.61 -34.12
CA SER C 47 -7.25 -21.99 -33.65
C SER C 47 -6.18 -22.17 -32.58
N LEU C 48 -6.41 -23.14 -31.70
CA LEU C 48 -5.46 -23.46 -30.64
C LEU C 48 -4.16 -24.03 -31.17
N ASP C 49 -4.06 -24.27 -32.48
CA ASP C 49 -2.80 -24.64 -33.11
C ASP C 49 -1.73 -23.59 -32.87
N GLU C 50 -2.08 -22.31 -33.10
CA GLU C 50 -1.09 -21.25 -33.11
C GLU C 50 -0.21 -21.25 -31.87
N TRP C 51 -0.75 -21.75 -30.75
CA TRP C 51 0.04 -21.98 -29.54
C TRP C 51 1.08 -23.07 -29.77
N GLU C 52 0.59 -24.30 -29.99
CA GLU C 52 1.50 -25.44 -30.18
C GLU C 52 2.48 -25.18 -31.32
N LYS C 53 2.01 -24.52 -32.38
CA LYS C 53 2.88 -24.06 -33.46
C LYS C 53 3.95 -23.09 -32.97
N ARG C 54 3.92 -22.68 -31.69
CA ARG C 54 4.95 -21.84 -31.08
C ARG C 54 5.61 -22.50 -29.88
N GLY C 55 5.24 -23.73 -29.55
CA GLY C 55 5.87 -24.44 -28.46
C GLY C 55 5.20 -24.25 -27.12
N VAL C 56 3.90 -23.98 -27.09
CA VAL C 56 3.15 -23.74 -25.87
C VAL C 56 2.12 -24.85 -25.72
N GLU C 57 2.24 -25.62 -24.64
CA GLU C 57 1.28 -26.65 -24.29
C GLU C 57 -0.06 -26.05 -23.89
N VAL C 58 -1.16 -26.67 -24.31
CA VAL C 58 -2.50 -26.10 -24.18
C VAL C 58 -3.42 -27.05 -23.44
N LEU C 59 -4.10 -26.54 -22.42
CA LEU C 59 -5.27 -27.19 -21.84
C LEU C 59 -6.49 -26.32 -22.14
N HIS C 60 -7.45 -26.86 -22.88
CA HIS C 60 -8.71 -26.17 -23.15
C HIS C 60 -9.75 -26.66 -22.15
N GLY C 61 -10.17 -25.77 -21.25
CA GLY C 61 -11.22 -26.06 -20.30
C GLY C 61 -12.30 -25.01 -20.41
N PRO C 62 -13.26 -25.25 -21.31
CA PRO C 62 -14.21 -24.19 -21.67
C PRO C 62 -15.25 -23.95 -20.57
N ILE C 63 -15.43 -22.67 -20.23
CA ILE C 63 -16.45 -22.22 -19.29
C ILE C 63 -17.25 -21.14 -20.01
N PRO C 64 -18.59 -21.20 -20.02
CA PRO C 64 -19.36 -20.10 -20.62
C PRO C 64 -19.05 -18.80 -19.88
N ASP C 65 -18.95 -17.71 -20.65
CA ASP C 65 -18.66 -16.41 -20.05
C ASP C 65 -19.68 -16.11 -18.95
N PHE C 66 -19.18 -15.51 -17.85
CA PHE C 66 -20.03 -15.12 -16.71
C PHE C 66 -20.71 -16.31 -16.06
N THR C 67 -20.13 -17.49 -16.20
CA THR C 67 -20.61 -18.68 -15.54
C THR C 67 -19.46 -19.30 -14.77
N ALA C 68 -19.80 -20.11 -13.87
CA ALA C 68 -18.78 -20.76 -13.08
C ALA C 68 -18.50 -22.16 -13.61
N PRO C 69 -17.25 -22.63 -13.51
CA PRO C 69 -16.99 -24.05 -13.72
C PRO C 69 -17.64 -24.87 -12.61
N SER C 70 -17.85 -26.15 -12.88
CA SER C 70 -18.22 -27.03 -11.79
C SER C 70 -16.99 -27.28 -10.93
N VAL C 71 -17.23 -27.73 -9.70
CA VAL C 71 -16.12 -27.91 -8.77
C VAL C 71 -15.14 -28.94 -9.32
N GLU C 72 -15.60 -29.86 -10.16
CA GLU C 72 -14.72 -30.92 -10.63
C GLU C 72 -13.78 -30.45 -11.74
N GLN C 73 -14.28 -29.70 -12.71
CA GLN C 73 -13.38 -29.23 -13.75
C GLN C 73 -12.44 -28.16 -13.22
N LEU C 74 -12.80 -27.50 -12.12
CA LEU C 74 -11.86 -26.63 -11.41
C LEU C 74 -10.69 -27.44 -10.87
N LEU C 75 -10.98 -28.55 -10.19
CA LEU C 75 -9.92 -29.42 -9.70
C LEU C 75 -9.06 -29.95 -10.85
N GLU C 76 -9.70 -30.36 -11.95
CA GLU C 76 -8.94 -30.81 -13.11
C GLU C 76 -7.94 -29.74 -13.58
N ILE C 77 -8.36 -28.47 -13.58
CA ILE C 77 -7.46 -27.41 -14.04
C ILE C 77 -6.31 -27.22 -13.07
N LEU C 78 -6.60 -27.26 -11.77
CA LEU C 78 -5.56 -27.04 -10.76
C LEU C 78 -4.46 -28.08 -10.87
N ARG C 79 -4.83 -29.36 -11.00
CA ARG C 79 -3.83 -30.41 -11.14
C ARG C 79 -2.95 -30.19 -12.36
N TRP C 80 -3.54 -29.74 -13.47
CA TRP C 80 -2.79 -29.57 -14.70
C TRP C 80 -1.75 -28.45 -14.58
N ILE C 81 -2.17 -27.30 -14.03
CA ILE C 81 -1.21 -26.24 -13.74
C ILE C 81 -0.09 -26.78 -12.85
N GLU C 82 -0.48 -27.56 -11.84
CA GLU C 82 0.50 -28.11 -10.91
C GLU C 82 1.60 -28.86 -11.63
N GLU C 83 1.23 -29.79 -12.51
CA GLU C 83 2.23 -30.62 -13.17
C GLU C 83 3.16 -29.80 -14.06
N ARG C 84 2.61 -28.81 -14.78
CA ARG C 84 3.47 -27.95 -15.60
C ARG C 84 4.44 -27.16 -14.75
N VAL C 85 3.98 -26.70 -13.58
CA VAL C 85 4.86 -25.93 -12.70
C VAL C 85 5.89 -26.85 -12.05
N ARG C 86 5.50 -28.08 -11.71
CA ARG C 86 6.48 -29.05 -11.24
C ARG C 86 7.55 -29.32 -12.27
N GLU C 87 7.22 -29.21 -13.56
CA GLU C 87 8.17 -29.41 -14.64
C GLU C 87 9.00 -28.17 -14.93
N GLY C 88 8.78 -27.07 -14.23
CA GLY C 88 9.58 -25.87 -14.43
C GLY C 88 9.04 -24.88 -15.44
N LYS C 89 7.76 -24.98 -15.81
CA LYS C 89 7.21 -24.12 -16.83
C LYS C 89 6.33 -23.03 -16.21
N LYS C 90 6.29 -21.89 -16.88
CA LYS C 90 5.39 -20.80 -16.51
C LYS C 90 4.09 -20.96 -17.27
N VAL C 91 2.97 -20.81 -16.57
CA VAL C 91 1.63 -21.10 -17.08
C VAL C 91 0.85 -19.80 -17.19
N LEU C 92 0.13 -19.63 -18.30
CA LEU C 92 -0.79 -18.52 -18.50
C LEU C 92 -2.22 -19.03 -18.50
N ILE C 93 -3.07 -18.47 -17.62
CA ILE C 93 -4.50 -18.75 -17.57
C ILE C 93 -5.22 -17.57 -18.19
N HIS C 94 -6.09 -17.81 -19.16
CA HIS C 94 -6.73 -16.64 -19.75
C HIS C 94 -8.19 -16.95 -20.06
N CYS C 95 -9.00 -15.89 -20.02
CA CYS C 95 -10.35 -15.94 -20.56
C CYS C 95 -10.48 -14.84 -21.59
N MET C 96 -11.62 -14.15 -21.64
CA MET C 96 -11.69 -13.02 -22.57
C MET C 96 -11.25 -11.72 -21.89
N GLY C 97 -11.94 -11.34 -20.81
CA GLY C 97 -11.62 -10.12 -20.11
C GLY C 97 -10.46 -10.25 -19.14
N GLY C 98 -10.11 -11.48 -18.76
CA GLY C 98 -9.04 -11.67 -17.79
C GLY C 98 -9.48 -11.38 -16.38
N LEU C 99 -10.78 -11.50 -16.11
CA LEU C 99 -11.37 -11.11 -14.82
C LEU C 99 -12.14 -12.24 -14.14
N GLY C 100 -13.22 -12.70 -14.75
CA GLY C 100 -14.14 -13.62 -14.10
C GLY C 100 -13.67 -15.06 -14.13
N ARG C 101 -13.64 -15.67 -15.32
CA ARG C 101 -13.27 -17.09 -15.38
C ARG C 101 -11.81 -17.29 -14.98
N SER C 102 -10.89 -16.48 -15.50
CA SER C 102 -9.49 -16.66 -15.16
C SER C 102 -9.20 -16.24 -13.74
N GLY C 103 -9.88 -15.19 -13.26
CA GLY C 103 -9.74 -14.82 -11.86
C GLY C 103 -10.21 -15.91 -10.91
N THR C 104 -11.33 -16.56 -11.27
CA THR C 104 -11.85 -17.63 -10.43
C THR C 104 -10.85 -18.77 -10.33
N VAL C 105 -10.18 -19.08 -11.46
CA VAL C 105 -9.17 -20.12 -11.45
C VAL C 105 -7.94 -19.67 -10.69
N GLY C 106 -7.62 -18.37 -10.74
CA GLY C 106 -6.52 -17.84 -9.97
C GLY C 106 -6.75 -17.94 -8.47
N VAL C 107 -7.95 -17.55 -8.01
CA VAL C 107 -8.29 -17.68 -6.59
C VAL C 107 -8.23 -19.15 -6.18
N ALA C 108 -8.82 -20.04 -6.99
CA ALA C 108 -8.73 -21.47 -6.71
C ALA C 108 -7.29 -21.93 -6.60
N TRP C 109 -6.42 -21.43 -7.48
CA TRP C 109 -5.03 -21.89 -7.47
C TRP C 109 -4.33 -21.52 -6.17
N LEU C 110 -4.58 -20.31 -5.65
CA LEU C 110 -3.95 -19.90 -4.40
C LEU C 110 -4.49 -20.69 -3.21
N MET C 111 -5.80 -20.99 -3.19
CA MET C 111 -6.33 -21.83 -2.13
C MET C 111 -5.72 -23.22 -2.21
N TYR C 112 -5.51 -23.71 -3.43
CA TYR C 112 -5.02 -25.06 -3.66
C TYR C 112 -3.53 -25.18 -3.40
N SER C 113 -2.72 -24.31 -4.01
CA SER C 113 -1.27 -24.44 -3.90
C SER C 113 -0.74 -23.89 -2.58
N ARG C 114 -1.42 -22.93 -1.96
CA ARG C 114 -0.90 -22.24 -0.79
C ARG C 114 -1.76 -22.36 0.47
N GLY C 115 -2.96 -22.92 0.36
CA GLY C 115 -3.81 -23.12 1.52
C GLY C 115 -4.50 -21.88 2.04
N LEU C 116 -4.56 -20.81 1.26
CA LEU C 116 -5.21 -19.59 1.72
C LEU C 116 -6.71 -19.81 1.86
N SER C 117 -7.31 -19.12 2.82
CA SER C 117 -8.76 -19.10 2.89
C SER C 117 -9.32 -18.43 1.64
N LEU C 118 -10.60 -18.68 1.38
CA LEU C 118 -11.24 -18.07 0.21
C LEU C 118 -11.14 -16.56 0.28
N ARG C 119 -11.42 -15.99 1.47
CA ARG C 119 -11.32 -14.54 1.61
C ARG C 119 -9.90 -14.06 1.31
N GLU C 120 -8.88 -14.74 1.86
CA GLU C 120 -7.50 -14.32 1.65
C GLU C 120 -7.08 -14.45 0.17
N ALA C 121 -7.45 -15.57 -0.46
CA ALA C 121 -7.09 -15.76 -1.86
C ALA C 121 -7.78 -14.73 -2.73
N LEU C 122 -9.06 -14.47 -2.46
CA LEU C 122 -9.81 -13.47 -3.23
C LEU C 122 -9.15 -12.11 -3.11
N MET C 123 -8.74 -11.73 -1.90
CA MET C 123 -8.07 -10.44 -1.72
C MET C 123 -6.77 -10.38 -2.49
N GLU C 124 -5.99 -11.46 -2.46
CA GLU C 124 -4.72 -11.44 -3.18
C GLU C 124 -4.92 -11.38 -4.69
N VAL C 125 -5.87 -12.16 -5.23
CA VAL C 125 -6.07 -12.13 -6.68
C VAL C 125 -6.62 -10.78 -7.12
N ARG C 126 -7.52 -10.19 -6.33
CA ARG C 126 -8.09 -8.89 -6.68
C ARG C 126 -7.08 -7.75 -6.53
N ARG C 127 -6.04 -7.93 -5.72
CA ARG C 127 -4.95 -6.96 -5.70
C ARG C 127 -4.19 -6.97 -7.02
N LYS C 128 -4.04 -8.15 -7.62
CA LYS C 128 -3.33 -8.26 -8.91
C LYS C 128 -4.19 -7.73 -10.04
N ARG C 129 -5.48 -8.00 -10.00
CA ARG C 129 -6.41 -7.59 -11.05
C ARG C 129 -7.72 -7.20 -10.37
N PRO C 130 -7.88 -5.92 -10.06
CA PRO C 130 -9.15 -5.47 -9.46
C PRO C 130 -10.32 -5.85 -10.37
N GLY C 131 -11.37 -6.38 -9.77
CA GLY C 131 -12.52 -6.87 -10.51
C GLY C 131 -12.53 -8.36 -10.78
N ALA C 132 -11.46 -9.07 -10.43
CA ALA C 132 -11.41 -10.52 -10.61
C ALA C 132 -12.55 -11.19 -9.86
N VAL C 133 -13.04 -12.29 -10.45
CA VAL C 133 -14.20 -13.03 -9.98
C VAL C 133 -15.43 -12.14 -10.09
N GLU C 134 -16.19 -12.34 -11.16
CA GLU C 134 -17.21 -11.39 -11.57
C GLU C 134 -18.61 -11.74 -11.09
N THR C 135 -18.92 -13.00 -10.85
CA THR C 135 -20.31 -13.35 -10.56
C THR C 135 -20.42 -14.11 -9.25
N GLN C 136 -21.61 -14.03 -8.66
CA GLN C 136 -21.85 -14.72 -7.39
C GLN C 136 -21.80 -16.23 -7.57
N GLU C 137 -22.19 -16.74 -8.74
CA GLU C 137 -22.04 -18.16 -9.01
C GLU C 137 -20.57 -18.58 -8.99
N GLN C 138 -19.68 -17.72 -9.51
CA GLN C 138 -18.24 -18.01 -9.43
C GLN C 138 -17.77 -18.06 -7.99
N MET C 139 -18.26 -17.13 -7.16
CA MET C 139 -18.00 -17.18 -5.72
C MET C 139 -18.48 -18.49 -5.10
N GLU C 140 -19.66 -18.96 -5.52
CA GLU C 140 -20.23 -20.16 -4.90
C GLU C 140 -19.42 -21.41 -5.22
N VAL C 141 -18.82 -21.49 -6.41
CA VAL C 141 -18.03 -22.68 -6.67
C VAL C 141 -16.70 -22.61 -5.94
N LEU C 142 -16.16 -21.41 -5.72
CA LEU C 142 -14.99 -21.31 -4.85
C LEU C 142 -15.34 -21.73 -3.43
N LYS C 143 -16.56 -21.42 -2.97
CA LYS C 143 -17.01 -21.92 -1.67
C LYS C 143 -17.00 -23.45 -1.64
N GLU C 144 -17.63 -24.07 -2.65
CA GLU C 144 -17.60 -25.54 -2.75
C GLU C 144 -16.18 -26.07 -2.72
N LEU C 145 -15.29 -25.45 -3.51
CA LEU C 145 -13.90 -25.92 -3.58
C LEU C 145 -13.26 -25.89 -2.20
N GLU C 146 -13.55 -24.86 -1.40
CA GLU C 146 -12.93 -24.74 -0.09
C GLU C 146 -13.30 -25.91 0.81
N GLU C 147 -14.57 -26.34 0.76
CA GLU C 147 -15.03 -27.48 1.54
C GLU C 147 -14.46 -28.76 0.95
N ARG C 148 -13.60 -28.68 -0.05
CA ARG C 148 -13.18 -29.95 -0.62
C ARG C 148 -11.68 -30.11 -0.81
N ILE C 149 -10.85 -29.16 -0.38
CA ILE C 149 -9.42 -29.28 -0.59
C ILE C 149 -8.70 -29.47 0.74
V VN3 D . -11.85 23.31 -6.88
O1 VN3 D . -12.61 22.56 -8.42
O2 VN3 D . -13.06 23.66 -5.49
O3 VN3 D . -10.29 24.33 -7.00
V VN3 E . 17.03 -5.51 20.97
O1 VN3 E . 16.89 -5.37 22.83
O2 VN3 E . 15.53 -6.24 20.06
O3 VN3 E . 18.72 -5.92 20.28
V VN3 F . -13.60 -13.36 -18.35
O1 VN3 F . -13.70 -13.34 -20.22
O2 VN3 F . -14.63 -14.65 -17.44
O3 VN3 F . -13.00 -11.75 -17.54
#